data_7QHZ
#
_entry.id   7QHZ
#
_cell.length_a   44.500
_cell.length_b   48.230
_cell.length_c   108.390
_cell.angle_alpha   90.000
_cell.angle_beta   90.000
_cell.angle_gamma   90.000
#
_symmetry.space_group_name_H-M   'P 21 21 21'
#
loop_
_entity.id
_entity.type
_entity.pdbx_description
1 polymer Kallikrein-6
2 non-polymer (5~{R})-3-(4-carbamimidoylphenyl)-~{N}-[(1~{S})-1-naphthalen-1-ylpropyl]-2-oxidanylidene-1,3-oxazolidine-5-carboxamide
3 non-polymer GLYCEROL
4 water water
#
_entity_poly.entity_id   1
_entity_poly.type   'polypeptide(L)'
_entity_poly.pdbx_seq_one_letter_code
;LVHGGPCDKTSHPYQAALYTSGHLLCGGVLIHPLWVLTAAHCKKPNLQVFLGKHNLGQQESSQEQSSVVRAVIHPDYDAA
SHDQDIMLLRLARPAKLSELIQPLPLERDCSAQTTSCHILGWGKTADGDFPDTIQCAYIHLVSREECEHAYPGQITQNML
CAGDEKYGKDSCQGDSGGPLVCGDHLRGLVSWGNIPCGSKEKPGVYTNVCRYTNWIQKTIQAK
;
_entity_poly.pdbx_strand_id   A
#
loop_
_chem_comp.id
_chem_comp.type
_chem_comp.name
_chem_comp.formula
CI5 non-polymer (5~{R})-3-(4-carbamimidoylphenyl)-~{N}-[(1~{S})-1-naphthalen-1-ylpropyl]-2-oxidanylidene-1,3-oxazolidine-5-carboxamide 'C24 H24 N4 O3'
GOL non-polymer GLYCEROL 'C3 H8 O3'
#
# COMPACT_ATOMS: atom_id res chain seq x y z
N LEU A 1 1.78 -9.60 5.41
CA LEU A 1 0.70 -10.23 4.66
C LEU A 1 0.70 -11.76 4.90
N VAL A 2 -0.50 -12.37 4.87
CA VAL A 2 -0.67 -13.76 5.28
C VAL A 2 -0.93 -14.64 4.07
N HIS A 3 -0.32 -15.83 4.10
CA HIS A 3 -0.45 -16.90 3.12
C HIS A 3 0.22 -16.60 1.79
N GLY A 4 1.15 -15.65 1.74
CA GLY A 4 1.92 -15.38 0.54
C GLY A 4 3.29 -16.04 0.58
N GLY A 5 4.20 -15.52 -0.27
CA GLY A 5 5.54 -16.02 -0.36
C GLY A 5 6.43 -14.87 -0.79
N PRO A 6 7.74 -15.08 -0.80
CA PRO A 6 8.66 -14.01 -1.23
C PRO A 6 8.40 -13.55 -2.65
N CYS A 7 8.35 -12.22 -2.84
CA CYS A 7 8.21 -11.66 -4.17
C CYS A 7 9.43 -11.95 -5.03
N ASP A 8 9.21 -12.06 -6.34
CA ASP A 8 10.30 -11.99 -7.30
C ASP A 8 11.07 -10.69 -7.13
N LYS A 9 12.41 -10.79 -7.12
CA LYS A 9 13.26 -9.65 -6.75
C LYS A 9 13.10 -8.44 -7.68
N THR A 10 12.74 -8.65 -8.95
CA THR A 10 12.62 -7.56 -9.91
C THR A 10 11.20 -7.04 -10.13
N SER A 11 10.21 -7.59 -9.40
CA SER A 11 8.79 -7.38 -9.68
CA SER A 11 8.81 -7.33 -9.73
C SER A 11 8.16 -6.24 -8.87
N HIS A 12 8.90 -5.59 -7.97
CA HIS A 12 8.27 -4.61 -7.07
C HIS A 12 9.00 -3.26 -6.98
N PRO A 13 9.41 -2.65 -8.11
CA PRO A 13 10.29 -1.47 -8.03
C PRO A 13 9.59 -0.23 -7.48
N TYR A 14 8.27 -0.27 -7.36
CA TYR A 14 7.50 0.85 -6.82
C TYR A 14 7.27 0.74 -5.33
N GLN A 15 7.67 -0.35 -4.67
CA GLN A 15 7.32 -0.52 -3.26
C GLN A 15 8.27 0.32 -2.39
N ALA A 16 7.69 1.05 -1.41
CA ALA A 16 8.45 1.76 -0.41
C ALA A 16 8.27 1.09 0.94
N ALA A 17 9.28 1.23 1.78
CA ALA A 17 9.17 0.89 3.21
C ALA A 17 9.26 2.17 4.01
N LEU A 18 8.34 2.35 4.95
N LEU A 18 8.34 2.36 4.96
CA LEU A 18 8.26 3.54 5.80
CA LEU A 18 8.28 3.58 5.76
C LEU A 18 8.75 3.18 7.19
C LEU A 18 8.71 3.23 7.18
N TYR A 19 9.75 3.91 7.68
CA TYR A 19 10.33 3.67 9.00
C TYR A 19 10.17 4.89 9.90
N THR A 20 10.13 4.62 11.21
CA THR A 20 10.34 5.68 12.18
C THR A 20 10.97 5.02 13.40
N SER A 21 11.84 5.75 14.09
CA SER A 21 12.54 5.20 15.26
C SER A 21 13.38 3.97 14.91
N GLY A 22 13.85 3.89 13.67
CA GLY A 22 14.62 2.74 13.27
C GLY A 22 13.85 1.45 13.02
N HIS A 23 12.51 1.48 13.02
CA HIS A 23 11.66 0.29 12.88
C HIS A 23 10.63 0.48 11.76
N LEU A 24 10.30 -0.63 11.09
CA LEU A 24 9.25 -0.65 10.09
C LEU A 24 7.96 -0.14 10.71
N LEU A 25 7.31 0.79 10.01
CA LEU A 25 6.00 1.33 10.37
C LEU A 25 4.92 0.98 9.35
N CYS A 26 5.19 1.16 8.05
CA CYS A 26 4.17 0.97 7.04
C CYS A 26 4.86 0.65 5.74
N GLY A 27 4.07 0.24 4.75
CA GLY A 27 4.48 0.26 3.36
C GLY A 27 4.08 1.55 2.64
N GLY A 28 4.25 1.54 1.33
CA GLY A 28 4.00 2.73 0.55
C GLY A 28 4.31 2.44 -0.89
N VAL A 29 3.91 3.38 -1.75
CA VAL A 29 4.07 3.20 -3.20
C VAL A 29 4.61 4.48 -3.84
N LEU A 30 5.73 4.34 -4.58
CA LEU A 30 6.30 5.46 -5.33
C LEU A 30 5.39 5.75 -6.53
N ILE A 31 4.87 6.98 -6.62
CA ILE A 31 3.98 7.36 -7.73
C ILE A 31 4.54 8.47 -8.60
N HIS A 32 5.67 9.06 -8.21
CA HIS A 32 6.32 10.18 -8.90
C HIS A 32 7.73 10.26 -8.31
N PRO A 33 8.73 10.77 -9.04
CA PRO A 33 10.09 10.81 -8.47
C PRO A 33 10.18 11.52 -7.12
N LEU A 34 9.25 12.43 -6.81
CA LEU A 34 9.26 13.16 -5.58
C LEU A 34 8.21 12.72 -4.56
N TRP A 35 7.36 11.71 -4.87
CA TRP A 35 6.18 11.47 -4.01
C TRP A 35 5.88 9.98 -3.81
N VAL A 36 5.59 9.62 -2.55
CA VAL A 36 5.15 8.28 -2.18
C VAL A 36 3.74 8.41 -1.60
N LEU A 37 2.88 7.46 -1.96
CA LEU A 37 1.54 7.38 -1.36
C LEU A 37 1.54 6.32 -0.24
N THR A 38 0.89 6.62 0.87
CA THR A 38 0.66 5.62 1.91
C THR A 38 -0.68 5.89 2.58
N ALA A 39 -0.96 5.15 3.65
CA ALA A 39 -2.19 5.38 4.42
C ALA A 39 -2.06 6.61 5.32
N ALA A 40 -3.19 7.32 5.50
CA ALA A 40 -3.20 8.43 6.45
C ALA A 40 -2.85 7.97 7.86
N HIS A 41 -3.25 6.75 8.27
CA HIS A 41 -2.95 6.35 9.64
C HIS A 41 -1.47 6.10 9.87
N CYS A 42 -0.65 6.24 8.83
CA CYS A 42 0.80 6.09 9.01
C CYS A 42 1.50 7.36 9.43
N LYS A 43 0.78 8.50 9.57
CA LYS A 43 1.48 9.76 9.81
C LYS A 43 2.12 9.79 11.21
N LYS A 44 3.40 10.11 11.26
CA LYS A 44 4.16 10.28 12.50
C LYS A 44 5.31 11.23 12.21
N PRO A 45 5.91 11.84 13.24
CA PRO A 45 7.13 12.63 13.03
C PRO A 45 8.31 11.75 12.62
N ASN A 46 9.31 12.38 12.02
CA ASN A 46 10.60 11.72 11.76
C ASN A 46 10.45 10.45 10.90
N LEU A 47 9.82 10.59 9.73
CA LEU A 47 9.62 9.45 8.84
C LEU A 47 10.79 9.33 7.87
N GLN A 48 11.25 8.10 7.66
CA GLN A 48 12.28 7.79 6.67
C GLN A 48 11.68 6.83 5.64
N VAL A 49 11.97 7.06 4.35
CA VAL A 49 11.45 6.23 3.27
C VAL A 49 12.62 5.49 2.66
N PHE A 50 12.47 4.17 2.50
CA PHE A 50 13.44 3.34 1.79
C PHE A 50 12.85 2.86 0.48
N LEU A 51 13.52 3.13 -0.62
CA LEU A 51 13.11 2.67 -1.94
C LEU A 51 14.13 1.65 -2.40
N GLY A 52 13.73 0.80 -3.36
CA GLY A 52 14.67 -0.18 -3.89
C GLY A 52 15.03 -1.35 -2.98
N LYS A 53 14.28 -1.58 -1.89
CA LYS A 53 14.59 -2.63 -0.92
C LYS A 53 13.81 -3.90 -1.24
N HIS A 54 14.41 -5.02 -0.88
CA HIS A 54 13.76 -6.32 -0.98
C HIS A 54 13.85 -7.01 0.38
N ASN A 55 15.06 -7.05 0.95
CA ASN A 55 15.30 -7.66 2.27
C ASN A 55 15.66 -6.55 3.26
N LEU A 56 14.84 -6.39 4.32
CA LEU A 56 15.08 -5.34 5.30
C LEU A 56 16.34 -5.58 6.13
N GLY A 57 16.82 -6.83 6.21
CA GLY A 57 18.02 -7.10 7.00
C GLY A 57 19.34 -6.80 6.31
N GLN A 58 19.32 -6.34 5.06
CA GLN A 58 20.52 -6.18 4.24
C GLN A 58 20.72 -4.71 3.86
N GLN A 59 21.97 -4.34 3.62
CA GLN A 59 22.30 -3.07 3.00
C GLN A 59 22.40 -3.37 1.52
N GLU A 60 21.36 -3.03 0.76
CA GLU A 60 21.26 -3.47 -0.64
C GLU A 60 21.83 -2.41 -1.58
N SER A 61 22.58 -2.85 -2.60
CA SER A 61 23.20 -1.88 -3.49
C SER A 61 22.16 -1.05 -4.25
N SER A 62 20.92 -1.55 -4.38
CA SER A 62 19.83 -0.86 -5.08
C SER A 62 19.07 0.12 -4.20
N GLN A 63 19.35 0.17 -2.90
CA GLN A 63 18.45 0.91 -2.03
C GLN A 63 18.78 2.40 -1.97
N GLU A 64 17.74 3.18 -1.73
CA GLU A 64 17.87 4.62 -1.45
C GLU A 64 17.05 5.01 -0.24
N GLN A 65 17.65 5.79 0.65
CA GLN A 65 16.97 6.25 1.84
C GLN A 65 16.74 7.74 1.71
N SER A 66 15.55 8.20 2.10
CA SER A 66 15.30 9.64 2.04
C SER A 66 14.41 10.06 3.21
N SER A 67 14.66 11.26 3.74
CA SER A 67 13.72 11.86 4.69
CA SER A 67 13.72 11.83 4.69
C SER A 67 12.47 12.33 3.96
N VAL A 68 11.36 12.35 4.69
CA VAL A 68 10.10 12.90 4.21
C VAL A 68 10.11 14.35 4.64
N VAL A 69 10.01 15.28 3.68
CA VAL A 69 10.07 16.69 4.04
C VAL A 69 8.72 17.38 4.07
N ARG A 70 7.66 16.74 3.56
CA ARG A 70 6.31 17.26 3.71
C ARG A 70 5.41 16.05 3.74
N ALA A 71 4.46 16.00 4.69
CA ALA A 71 3.48 14.92 4.73
C ALA A 71 2.10 15.53 4.64
N VAL A 72 1.32 15.13 3.65
CA VAL A 72 0.05 15.77 3.35
C VAL A 72 -1.03 14.70 3.51
N ILE A 73 -1.60 14.65 4.72
CA ILE A 73 -2.72 13.75 4.96
C ILE A 73 -3.95 14.30 4.25
N HIS A 74 -4.81 13.41 3.78
CA HIS A 74 -6.06 13.90 3.21
C HIS A 74 -6.87 14.67 4.28
N PRO A 75 -7.38 15.86 3.96
CA PRO A 75 -8.09 16.65 4.98
C PRO A 75 -9.37 16.02 5.49
N ASP A 76 -9.96 15.07 4.76
CA ASP A 76 -11.23 14.49 5.20
C ASP A 76 -11.06 13.07 5.77
N TYR A 77 -9.84 12.67 6.11
CA TYR A 77 -9.61 11.36 6.70
C TYR A 77 -10.38 11.19 8.02
N ASP A 78 -11.13 10.07 8.13
CA ASP A 78 -11.90 9.75 9.32
C ASP A 78 -11.20 8.56 10.00
N ALA A 79 -10.50 8.82 11.11
CA ALA A 79 -9.73 7.75 11.76
C ALA A 79 -10.59 6.57 12.18
N ALA A 80 -11.81 6.81 12.67
CA ALA A 80 -12.59 5.71 13.24
C ALA A 80 -13.00 4.70 12.14
N SER A 81 -13.43 5.19 10.98
CA SER A 81 -13.97 4.34 9.92
C SER A 81 -12.95 4.04 8.84
N HIS A 82 -11.76 4.65 8.90
CA HIS A 82 -10.78 4.65 7.82
C HIS A 82 -11.26 5.27 6.50
N ASP A 83 -12.35 6.03 6.47
CA ASP A 83 -12.73 6.71 5.25
C ASP A 83 -11.66 7.74 4.84
N GLN A 84 -11.23 7.67 3.57
CA GLN A 84 -10.25 8.59 2.99
C GLN A 84 -8.86 8.40 3.62
N ASP A 85 -8.46 7.14 3.75
CA ASP A 85 -7.21 6.78 4.42
C ASP A 85 -6.05 6.88 3.41
N ILE A 86 -5.65 8.10 3.11
CA ILE A 86 -4.63 8.37 2.11
C ILE A 86 -3.77 9.57 2.53
N MET A 87 -2.49 9.51 2.19
CA MET A 87 -1.51 10.54 2.53
C MET A 87 -0.40 10.56 1.49
N LEU A 88 0.03 11.77 1.10
CA LEU A 88 1.14 11.97 0.17
C LEU A 88 2.38 12.38 0.94
N LEU A 89 3.52 11.72 0.66
CA LEU A 89 4.80 12.04 1.30
C LEU A 89 5.73 12.59 0.25
N ARG A 90 6.24 13.80 0.46
CA ARG A 90 7.21 14.38 -0.45
C ARG A 90 8.64 14.00 -0.01
N LEU A 91 9.39 13.40 -0.92
CA LEU A 91 10.75 13.00 -0.55
C LEU A 91 11.69 14.21 -0.55
N ALA A 92 12.76 14.08 0.23
CA ALA A 92 13.74 15.16 0.33
C ALA A 92 14.44 15.47 -0.99
N ARG A 93 14.46 14.53 -1.94
CA ARG A 93 15.11 14.73 -3.23
C ARG A 93 14.48 13.75 -4.21
N PRO A 94 14.48 14.05 -5.52
CA PRO A 94 13.89 13.10 -6.47
C PRO A 94 14.54 11.73 -6.30
N ALA A 95 13.72 10.68 -6.31
CA ALA A 95 14.23 9.31 -6.21
C ALA A 95 15.19 9.01 -7.37
N LYS A 96 16.29 8.30 -7.08
CA LYS A 96 17.21 7.97 -8.15
C LYS A 96 16.71 6.71 -8.87
N LEU A 97 15.97 6.92 -9.95
CA LEU A 97 15.28 5.82 -10.63
C LEU A 97 16.29 4.87 -11.25
N SER A 98 15.90 3.58 -11.30
CA SER A 98 16.77 2.50 -11.74
C SER A 98 15.86 1.33 -12.13
N GLU A 99 16.46 0.20 -12.51
CA GLU A 99 15.61 -0.97 -12.78
C GLU A 99 14.83 -1.40 -11.55
N LEU A 100 15.34 -1.10 -10.36
CA LEU A 100 14.71 -1.53 -9.11
C LEU A 100 13.99 -0.40 -8.39
N ILE A 101 13.94 0.81 -8.96
CA ILE A 101 13.20 1.94 -8.38
C ILE A 101 12.46 2.63 -9.51
N GLN A 102 11.13 2.50 -9.54
CA GLN A 102 10.29 2.98 -10.68
C GLN A 102 8.93 3.32 -10.10
N PRO A 103 8.31 4.44 -10.47
CA PRO A 103 6.93 4.71 -10.05
C PRO A 103 5.94 3.76 -10.70
N LEU A 104 4.77 3.59 -10.02
CA LEU A 104 3.70 2.75 -10.57
C LEU A 104 2.59 3.66 -11.06
N PRO A 105 2.13 3.53 -12.31
CA PRO A 105 1.03 4.40 -12.79
C PRO A 105 -0.26 4.15 -12.00
N LEU A 106 -1.06 5.20 -11.81
CA LEU A 106 -2.32 5.04 -11.07
C LEU A 106 -3.45 4.55 -11.97
N GLU A 107 -4.35 3.74 -11.40
CA GLU A 107 -5.61 3.47 -12.08
C GLU A 107 -6.55 4.65 -11.85
N ARG A 108 -6.78 5.45 -12.88
CA ARG A 108 -7.66 6.60 -12.77
C ARG A 108 -9.12 6.27 -13.05
N ASP A 109 -9.39 5.12 -13.63
CA ASP A 109 -10.73 4.73 -14.08
C ASP A 109 -11.42 3.97 -12.95
N CYS A 110 -12.36 4.61 -12.24
CA CYS A 110 -13.10 3.89 -11.19
C CYS A 110 -13.97 2.76 -11.73
N SER A 111 -14.19 2.70 -13.04
CA SER A 111 -14.90 1.61 -13.70
C SER A 111 -13.96 0.59 -14.32
N ALA A 112 -12.68 0.61 -13.97
CA ALA A 112 -11.72 -0.31 -14.58
C ALA A 112 -12.15 -1.76 -14.38
N GLN A 113 -11.92 -2.58 -15.42
CA GLN A 113 -12.42 -3.95 -15.47
C GLN A 113 -11.61 -4.95 -14.67
N THR A 114 -10.29 -4.76 -14.53
CA THR A 114 -9.43 -5.87 -14.10
C THR A 114 -9.65 -6.16 -12.62
N THR A 115 -9.96 -7.42 -12.27
CA THR A 115 -10.15 -7.82 -10.89
C THR A 115 -9.09 -8.78 -10.36
N SER A 116 -8.15 -9.23 -11.20
CA SER A 116 -7.01 -10.01 -10.74
C SER A 116 -5.95 -9.03 -10.24
N CYS A 117 -5.54 -9.15 -8.98
CA CYS A 117 -4.61 -8.18 -8.38
C CYS A 117 -3.52 -8.89 -7.58
N HIS A 118 -2.57 -8.11 -7.05
CA HIS A 118 -1.67 -8.65 -6.04
C HIS A 118 -1.41 -7.56 -5.01
N ILE A 119 -0.96 -8.02 -3.85
CA ILE A 119 -0.52 -7.18 -2.73
C ILE A 119 0.91 -7.58 -2.33
N LEU A 120 1.56 -6.69 -1.59
CA LEU A 120 2.95 -6.91 -1.18
C LEU A 120 3.20 -6.17 0.13
N GLY A 121 4.16 -6.69 0.90
CA GLY A 121 4.55 -5.96 2.09
C GLY A 121 5.46 -6.78 2.97
N TRP A 122 5.95 -6.09 4.02
CA TRP A 122 6.76 -6.67 5.07
C TRP A 122 5.98 -6.83 6.37
N GLY A 123 4.65 -6.82 6.30
CA GLY A 123 3.84 -6.98 7.51
C GLY A 123 3.75 -8.41 8.04
N LYS A 124 2.93 -8.53 9.09
CA LYS A 124 2.82 -9.81 9.81
C LYS A 124 2.33 -10.92 8.89
N THR A 125 2.90 -12.13 9.07
CA THR A 125 2.51 -13.32 8.30
C THR A 125 1.59 -14.24 9.11
N ALA A 126 1.27 -15.40 8.52
CA ALA A 126 0.26 -16.26 9.13
C ALA A 126 0.78 -16.89 10.42
N ASP A 127 2.09 -16.94 10.60
CA ASP A 127 2.72 -17.56 11.80
C ASP A 127 2.94 -16.48 12.87
N GLY A 128 2.54 -15.24 12.58
CA GLY A 128 2.83 -14.14 13.51
C GLY A 128 4.16 -13.43 13.30
N ASP A 129 5.05 -13.97 12.46
CA ASP A 129 6.33 -13.28 12.37
C ASP A 129 6.32 -12.17 11.33
N PHE A 130 7.28 -11.24 11.48
CA PHE A 130 7.52 -10.16 10.53
C PHE A 130 8.74 -10.51 9.67
N PRO A 131 8.60 -10.64 8.36
CA PRO A 131 9.68 -11.20 7.52
C PRO A 131 10.68 -10.14 7.09
N ASP A 132 11.95 -10.56 6.94
CA ASP A 132 12.91 -9.62 6.33
C ASP A 132 12.66 -9.48 4.82
N THR A 133 12.25 -10.56 4.16
CA THR A 133 12.02 -10.54 2.72
C THR A 133 10.58 -10.14 2.42
N ILE A 134 10.41 -9.18 1.50
CA ILE A 134 9.07 -8.72 1.10
C ILE A 134 8.23 -9.90 0.59
N GLN A 135 6.98 -9.94 1.05
CA GLN A 135 6.06 -11.00 0.64
C GLN A 135 5.05 -10.47 -0.36
N CYS A 136 4.55 -11.39 -1.20
CA CYS A 136 3.59 -11.11 -2.27
C CYS A 136 2.47 -12.13 -2.23
N ALA A 137 1.26 -11.72 -2.64
CA ALA A 137 0.15 -12.66 -2.82
C ALA A 137 -0.82 -12.15 -3.87
N TYR A 138 -1.33 -13.08 -4.70
CA TYR A 138 -2.42 -12.80 -5.63
C TYR A 138 -3.76 -12.84 -4.90
N ILE A 139 -4.56 -11.78 -5.10
CA ILE A 139 -5.91 -11.71 -4.54
C ILE A 139 -6.84 -11.13 -5.61
N HIS A 140 -8.15 -11.12 -5.31
CA HIS A 140 -9.13 -10.66 -6.30
C HIS A 140 -9.98 -9.53 -5.74
N LEU A 141 -10.21 -8.49 -6.56
CA LEU A 141 -11.23 -7.49 -6.19
C LEU A 141 -12.63 -8.09 -6.12
N VAL A 142 -13.38 -7.67 -5.12
CA VAL A 142 -14.79 -8.13 -4.98
C VAL A 142 -15.68 -6.97 -5.44
N SER A 143 -16.88 -7.28 -5.91
CA SER A 143 -17.75 -6.21 -6.36
C SER A 143 -18.17 -5.31 -5.21
N ARG A 144 -18.61 -4.10 -5.56
CA ARG A 144 -19.06 -3.20 -4.52
C ARG A 144 -20.21 -3.82 -3.73
N GLU A 145 -21.08 -4.57 -4.40
CA GLU A 145 -22.20 -5.18 -3.69
C GLU A 145 -21.73 -6.24 -2.70
N GLU A 146 -20.77 -7.07 -3.10
CA GLU A 146 -20.28 -8.07 -2.16
C GLU A 146 -19.51 -7.39 -1.01
N CYS A 147 -18.83 -6.30 -1.27
CA CYS A 147 -18.07 -5.55 -0.22
C CYS A 147 -19.06 -5.03 0.82
N GLU A 148 -20.12 -4.38 0.35
CA GLU A 148 -21.16 -3.81 1.25
C GLU A 148 -21.79 -4.92 2.09
N HIS A 149 -21.98 -6.09 1.48
CA HIS A 149 -22.55 -7.25 2.21
C HIS A 149 -21.63 -7.71 3.34
N ALA A 150 -20.31 -7.61 3.14
CA ALA A 150 -19.34 -8.09 4.15
C ALA A 150 -19.25 -7.14 5.35
N TYR A 151 -19.44 -5.84 5.11
CA TYR A 151 -19.29 -4.82 6.18
C TYR A 151 -20.47 -3.86 6.08
N PRO A 152 -21.69 -4.33 6.43
CA PRO A 152 -22.89 -3.53 6.22
C PRO A 152 -22.87 -2.13 6.83
N GLY A 153 -23.13 -1.15 5.98
CA GLY A 153 -23.15 0.26 6.42
C GLY A 153 -21.78 0.90 6.61
N GLN A 154 -20.69 0.14 6.45
CA GLN A 154 -19.34 0.67 6.80
C GLN A 154 -18.45 0.88 5.57
N ILE A 155 -18.99 0.66 4.39
CA ILE A 155 -18.18 0.77 3.14
C ILE A 155 -18.60 2.03 2.39
N THR A 156 -17.64 2.90 2.12
CA THR A 156 -17.90 4.14 1.37
C THR A 156 -17.35 3.99 -0.05
N GLN A 157 -17.65 4.98 -0.89
CA GLN A 157 -17.15 4.97 -2.29
C GLN A 157 -15.62 5.09 -2.33
N ASN A 158 -15.00 5.42 -1.20
CA ASN A 158 -13.53 5.61 -1.14
C ASN A 158 -12.85 4.31 -0.71
N MET A 159 -13.61 3.21 -0.70
CA MET A 159 -13.05 1.91 -0.27
C MET A 159 -13.28 0.81 -1.31
N LEU A 160 -12.34 -0.11 -1.41
CA LEU A 160 -12.47 -1.31 -2.27
C LEU A 160 -12.23 -2.54 -1.39
N CYS A 161 -12.86 -3.66 -1.73
CA CYS A 161 -12.61 -4.91 -0.99
C CYS A 161 -11.88 -5.88 -1.91
N ALA A 162 -10.93 -6.60 -1.36
CA ALA A 162 -10.24 -7.63 -2.16
C ALA A 162 -9.77 -8.75 -1.24
N GLY A 163 -9.72 -9.97 -1.77
CA GLY A 163 -9.31 -11.11 -0.98
C GLY A 163 -9.24 -12.39 -1.80
N ASP A 164 -9.18 -13.54 -1.12
CA ASP A 164 -8.84 -14.82 -1.78
C ASP A 164 -9.62 -15.92 -1.07
N GLU A 165 -10.60 -16.51 -1.76
CA GLU A 165 -11.41 -17.50 -1.08
C GLU A 165 -10.68 -18.82 -0.85
N LYS A 166 -9.62 -19.13 -1.61
CA LYS A 166 -8.97 -20.44 -1.49
C LYS A 166 -8.08 -20.57 -0.27
N TYR A 167 -7.18 -19.59 -0.04
CA TYR A 167 -6.24 -19.64 1.07
C TYR A 167 -6.47 -18.53 2.06
N GLY A 168 -7.30 -17.54 1.75
CA GLY A 168 -7.44 -16.38 2.62
C GLY A 168 -6.27 -15.41 2.58
N LYS A 169 -5.47 -15.43 1.50
CA LYS A 169 -4.40 -14.41 1.37
C LYS A 169 -4.94 -13.00 1.65
N ASP A 170 -4.16 -12.21 2.39
CA ASP A 170 -4.68 -10.96 2.92
C ASP A 170 -3.50 -10.12 3.38
N SER A 171 -3.70 -8.80 3.39
CA SER A 171 -2.74 -7.90 4.02
C SER A 171 -2.91 -7.92 5.55
N CYS A 172 -2.00 -7.27 6.25
CA CYS A 172 -1.98 -7.37 7.71
C CYS A 172 -1.26 -6.16 8.32
N GLN A 173 -1.07 -6.18 9.64
CA GLN A 173 -0.33 -5.09 10.31
C GLN A 173 1.10 -5.01 9.83
N GLY A 174 1.54 -3.78 9.58
CA GLY A 174 2.82 -3.57 8.97
C GLY A 174 2.75 -3.39 7.47
N ASP A 175 1.63 -3.75 6.83
CA ASP A 175 1.49 -3.61 5.39
C ASP A 175 0.78 -2.33 4.98
N SER A 176 0.33 -1.52 5.96
CA SER A 176 -0.49 -0.34 5.66
C SER A 176 0.12 0.54 4.55
N GLY A 177 -0.75 1.05 3.68
CA GLY A 177 -0.29 1.95 2.64
C GLY A 177 0.37 1.27 1.46
N GLY A 178 0.60 -0.04 1.54
CA GLY A 178 1.15 -0.81 0.46
C GLY A 178 0.14 -0.87 -0.68
N PRO A 179 0.63 -1.17 -1.87
CA PRO A 179 -0.23 -1.07 -3.05
C PRO A 179 -1.03 -2.34 -3.34
N LEU A 180 -2.31 -2.14 -3.72
CA LEU A 180 -3.12 -3.17 -4.36
C LEU A 180 -2.99 -2.89 -5.85
N VAL A 181 -2.33 -3.79 -6.56
CA VAL A 181 -1.95 -3.59 -7.96
C VAL A 181 -2.86 -4.47 -8.79
N CYS A 182 -3.58 -3.89 -9.75
CA CYS A 182 -4.52 -4.62 -10.60
C CYS A 182 -4.28 -4.18 -12.04
N GLY A 183 -4.10 -5.15 -12.94
CA GLY A 183 -3.71 -4.82 -14.31
C GLY A 183 -2.47 -3.93 -14.36
N ASP A 184 -1.53 -4.15 -13.43
CA ASP A 184 -0.25 -3.44 -13.40
C ASP A 184 -0.41 -1.93 -13.22
N HIS A 185 -1.53 -1.53 -12.61
CA HIS A 185 -1.77 -0.17 -12.16
C HIS A 185 -2.10 -0.15 -10.67
N LEU A 186 -1.85 1.00 -10.05
CA LEU A 186 -2.17 1.18 -8.62
C LEU A 186 -3.66 1.34 -8.46
N ARG A 187 -4.32 0.36 -7.82
CA ARG A 187 -5.77 0.42 -7.66
C ARG A 187 -6.18 0.80 -6.26
N GLY A 188 -5.43 0.34 -5.25
CA GLY A 188 -5.75 0.67 -3.89
C GLY A 188 -4.54 0.70 -2.97
N LEU A 189 -4.82 1.05 -1.71
CA LEU A 189 -3.79 1.10 -0.67
C LEU A 189 -4.29 0.29 0.54
N VAL A 190 -3.39 -0.48 1.16
CA VAL A 190 -3.79 -1.28 2.33
C VAL A 190 -4.32 -0.34 3.40
N SER A 191 -5.52 -0.65 3.93
CA SER A 191 -6.14 0.25 4.91
C SER A 191 -6.62 -0.48 6.16
N TRP A 192 -7.53 -1.45 6.02
CA TRP A 192 -8.11 -2.14 7.19
C TRP A 192 -8.69 -3.48 6.74
N GLY A 193 -9.12 -4.28 7.72
CA GLY A 193 -9.75 -5.56 7.43
C GLY A 193 -9.78 -6.43 8.69
N ASN A 194 -9.86 -7.74 8.47
CA ASN A 194 -10.07 -8.65 9.58
C ASN A 194 -8.80 -8.79 10.42
N ILE A 195 -9.02 -8.96 11.73
CA ILE A 195 -7.99 -9.33 12.68
C ILE A 195 -8.55 -10.50 13.49
N PRO A 196 -7.90 -11.69 13.50
CA PRO A 196 -6.67 -12.00 12.76
C PRO A 196 -6.81 -11.87 11.26
N CYS A 197 -5.71 -11.54 10.60
CA CYS A 197 -5.69 -11.34 9.18
C CYS A 197 -6.04 -12.63 8.44
N GLY A 198 -6.66 -12.47 7.28
CA GLY A 198 -7.12 -13.62 6.52
C GLY A 198 -8.44 -13.25 5.88
N SER A 199 -8.61 -13.55 4.58
CA SER A 199 -9.74 -13.06 3.82
C SER A 199 -10.70 -14.15 3.35
N LYS A 200 -10.67 -15.35 3.95
CA LYS A 200 -11.56 -16.41 3.47
C LYS A 200 -13.02 -16.07 3.74
N GLU A 201 -13.31 -15.25 4.74
CA GLU A 201 -14.69 -14.86 4.96
C GLU A 201 -14.96 -13.38 4.89
N LYS A 202 -14.04 -12.53 5.34
CA LYS A 202 -14.22 -11.09 5.26
C LYS A 202 -13.05 -10.51 4.47
N PRO A 203 -13.30 -9.78 3.39
CA PRO A 203 -12.18 -9.32 2.56
C PRO A 203 -11.43 -8.17 3.22
N GLY A 204 -10.19 -7.99 2.80
CA GLY A 204 -9.47 -6.79 3.17
C GLY A 204 -10.04 -5.55 2.50
N VAL A 205 -9.86 -4.39 3.16
CA VAL A 205 -10.43 -3.12 2.68
C VAL A 205 -9.29 -2.15 2.34
N TYR A 206 -9.39 -1.53 1.18
CA TYR A 206 -8.29 -0.78 0.56
C TYR A 206 -8.78 0.60 0.15
N THR A 207 -7.95 1.62 0.33
CA THR A 207 -8.34 2.96 -0.13
C THR A 207 -8.45 2.95 -1.65
N ASN A 208 -9.55 3.49 -2.16
CA ASN A 208 -9.86 3.45 -3.61
C ASN A 208 -9.14 4.63 -4.28
N VAL A 209 -7.95 4.37 -4.82
CA VAL A 209 -7.07 5.45 -5.30
C VAL A 209 -7.68 6.23 -6.46
N CYS A 210 -8.55 5.60 -7.27
CA CYS A 210 -9.11 6.30 -8.43
C CYS A 210 -9.94 7.53 -7.99
N ARG A 211 -10.40 7.57 -6.74
CA ARG A 211 -11.21 8.69 -6.27
C ARG A 211 -10.37 9.92 -5.93
N TYR A 212 -9.04 9.78 -5.94
CA TYR A 212 -8.15 10.82 -5.43
C TYR A 212 -7.32 11.50 -6.51
N THR A 213 -7.66 11.27 -7.78
CA THR A 213 -6.89 11.82 -8.90
C THR A 213 -6.64 13.31 -8.76
N ASN A 214 -7.71 14.08 -8.51
CA ASN A 214 -7.59 15.53 -8.53
C ASN A 214 -6.80 16.04 -7.33
N TRP A 215 -7.03 15.44 -6.16
CA TRP A 215 -6.32 15.83 -4.96
C TRP A 215 -4.83 15.50 -5.08
N ILE A 216 -4.52 14.36 -5.68
CA ILE A 216 -3.13 13.99 -5.90
C ILE A 216 -2.45 15.01 -6.80
N GLN A 217 -3.08 15.32 -7.95
CA GLN A 217 -2.54 16.29 -8.89
C GLN A 217 -2.35 17.67 -8.25
N LYS A 218 -3.36 18.15 -7.52
CA LYS A 218 -3.24 19.47 -6.94
C LYS A 218 -2.10 19.50 -5.93
N THR A 219 -1.98 18.42 -5.12
CA THR A 219 -0.93 18.38 -4.11
C THR A 219 0.45 18.39 -4.74
N ILE A 220 0.65 17.56 -5.79
CA ILE A 220 1.97 17.44 -6.41
C ILE A 220 2.35 18.75 -7.11
N GLN A 221 1.37 19.47 -7.66
CA GLN A 221 1.66 20.66 -8.43
C GLN A 221 1.67 21.92 -7.58
N ALA A 222 1.34 21.84 -6.29
CA ALA A 222 1.22 23.04 -5.45
C ALA A 222 2.58 23.76 -5.31
CAA CI5 B . -5.06 -4.72 7.02
CAB CI5 B . -5.76 -5.80 7.59
CAC CI5 B . -5.88 -5.86 8.98
CAD CI5 B . -5.34 -4.89 9.82
CAE CI5 B . -4.64 -3.82 9.24
CAF CI5 B . -4.50 -3.73 7.84
CAG CI5 B . -6.33 -6.82 6.77
CAK CI5 B . -3.34 -1.71 9.37
CAL CI5 B . -2.81 -0.94 10.63
CAN CI5 B . -4.13 -2.68 11.33
CAP CI5 B . -1.33 -1.10 10.93
CAR CI5 B . 0.57 -0.24 12.22
CAS CI5 B . 0.86 -1.38 13.09
CAU CI5 B . 0.91 1.11 12.87
CAV CI5 B . 0.95 2.24 11.82
CAW CI5 B . 2.12 -2.02 13.07
CAX CI5 B . 2.36 -3.13 13.91
CAY CI5 B . 1.38 -3.60 14.80
CAZ CI5 B . 0.13 -2.97 14.83
CBA CI5 B . -0.12 -1.87 13.97
CBB CI5 B . 3.14 -1.57 12.21
CBC CI5 B . 4.38 -2.23 12.19
CBD CI5 B . 4.62 -3.30 13.04
CBE CI5 B . 3.61 -3.77 13.89
NAH CI5 B . -4.09 -2.84 10.00
NAI CI5 B . -6.39 -6.70 5.44
NAJ CI5 B . -6.77 -7.98 7.33
NAQ CI5 B . -0.84 -0.18 11.82
OAM CI5 B . -3.51 -1.52 11.71
OAO CI5 B . -4.72 -3.43 12.12
OAT CI5 B . -0.67 -2.01 10.44
C1 GOL C . -15.12 -0.45 10.17
O1 GOL C . -16.36 -0.94 10.61
C2 GOL C . -14.25 -0.10 11.37
O2 GOL C . -14.37 -0.96 12.48
C3 GOL C . -12.84 -0.08 10.80
O3 GOL C . -12.23 0.98 11.46
#